data_4E10
#
_entry.id   4E10
#
_cell.length_a   116.340
_cell.length_b   119.660
_cell.length_c   56.630
_cell.angle_alpha   90.00
_cell.angle_beta   111.30
_cell.angle_gamma   90.00
#
_symmetry.space_group_name_H-M   'C 1 2 1'
#
loop_
_entity.id
_entity.type
_entity.pdbx_description
1 polymer Protelomerase
2 polymer "DNA (5'-D(*CP*AP*TP*AP*AP*(BRU)P*AP*AP*CP*AP*AP*(BRU)P*AP*T)-3')"
3 polymer "DNA (5'-D(*CP*AP*TP*GP*AP*TP*AP*(BRU)P*(BRU)P*GP*(BRU)P*(BRU)P*AP*(BRU)P*(BRU)P*AP*(BRU)P*G)-3')"
4 non-polymer "THYMIDINE-5'-PHOSPHATE"
5 water water
#
loop_
_entity_poly.entity_id
_entity_poly.type
_entity_poly.pdbx_seq_one_letter_code
_entity_poly.pdbx_strand_id
1 'polypeptide(L)'
;MGSSHHHHHHSSGLVPRGSHMLAAKRKTKTPVLVERIDQFVGQIKEAMKSDDASRNRKIRDLWDAEVRYHFDNGRTEKTL
ELYIMKYRNALKAEFGPKSTPLAICNMKKLRERLNTYIARGDYPKTGVATSIVEKIERAEFNTAGRKPTVLLRIADFIAA
MNGMDAKQDMQALWDAEIAIMNGRAQTTIISYITKYRNAIREAFGDDHPMLKIATGDAAMADEARRVKMEKIANKHGALI
TFENYRQVLKICEDCLKSSDPLMIGIGLIGMTGRRPYEVFTQAEFSPAPYGKGVSKWSILFNGQAKTKQGEGTKFGITYE
IPVLTRSETVLAAYKRLRESGQGKLWHGMSIDDFSSETRLLLRDTVFNLFEDVWPKEELPKPYGLRHLYAEVAYHNFAPP
HVTKNSYFAAILGHNNNDLETSLS(PTR)MTYTLPEDRDNALARLKRTNERTLQQMATIAPVSRKG
;
A
2 'polydeoxyribonucleotide' (DC)(DA)(BRU)(DA)(DA)(BRU)(DA)(DA)(DC)(DA)(DA)(BRU)(DA) C
3 'polydeoxyribonucleotide' (DC)(DA)(DT)(DG)(DA)(DT)(DA)(BRU)(BRU)(DG)(BRU)(BRU)(DA)(BRU)(BRU)(DA)(BRU)(DG) D
#
# COMPACT_ATOMS: atom_id res chain seq x y z
N PRO A 124 24.97 19.78 6.01
CA PRO A 124 25.79 20.03 7.18
C PRO A 124 26.47 18.77 7.67
N LYS A 125 27.00 18.87 8.88
CA LYS A 125 27.75 17.82 9.52
C LYS A 125 27.10 17.46 10.86
N THR A 126 25.97 18.09 11.18
CA THR A 126 25.22 17.74 12.38
C THR A 126 23.69 17.74 12.21
N GLY A 127 22.99 17.13 13.18
CA GLY A 127 21.55 17.04 13.19
C GLY A 127 21.13 15.68 13.71
N VAL A 128 19.88 15.57 14.10
CA VAL A 128 19.41 14.34 14.70
C VAL A 128 18.24 13.77 13.92
N ALA A 129 18.11 12.46 13.87
CA ALA A 129 16.90 11.90 13.25
C ALA A 129 15.73 11.85 14.19
N THR A 130 15.04 12.97 14.39
CA THR A 130 14.03 13.07 15.44
C THR A 130 13.08 11.87 15.54
N SER A 131 12.42 11.53 14.44
CA SER A 131 11.46 10.43 14.41
C SER A 131 11.97 9.10 15.02
N ILE A 132 13.15 8.66 14.60
CA ILE A 132 13.73 7.44 15.14
C ILE A 132 13.88 7.50 16.65
N VAL A 133 14.64 8.48 17.11
CA VAL A 133 14.80 8.77 18.51
C VAL A 133 13.46 8.64 19.23
N GLU A 134 12.45 9.35 18.75
CA GLU A 134 11.13 9.28 19.35
C GLU A 134 10.67 7.83 19.51
N LYS A 135 10.85 7.07 18.46
CA LYS A 135 10.38 5.70 18.53
C LYS A 135 11.17 4.90 19.58
N ILE A 136 12.48 5.14 19.66
CA ILE A 136 13.31 4.39 20.61
C ILE A 136 12.90 4.74 22.04
N GLU A 137 12.60 6.02 22.22
CA GLU A 137 12.20 6.50 23.50
C GLU A 137 10.89 5.88 23.97
N ARG A 138 9.85 5.89 23.13
CA ARG A 138 8.63 5.21 23.53
C ARG A 138 9.00 3.78 23.90
N ALA A 139 9.53 3.03 22.93
CA ALA A 139 10.03 1.66 23.15
C ALA A 139 10.65 1.34 24.50
N GLU A 140 11.33 2.33 25.08
CA GLU A 140 11.94 2.16 26.42
C GLU A 140 10.99 1.63 27.50
N PHE A 141 9.76 2.12 27.53
CA PHE A 141 8.84 1.62 28.53
C PHE A 141 7.57 0.95 28.00
N ASN A 142 7.73 -0.14 27.24
CA ASN A 142 6.58 -0.90 26.77
C ASN A 142 6.47 -2.09 27.69
N THR A 143 5.25 -2.55 27.95
CA THR A 143 5.03 -3.67 28.85
C THR A 143 5.72 -4.91 28.31
N ALA A 144 5.88 -4.95 26.99
CA ALA A 144 6.39 -6.13 26.30
C ALA A 144 6.76 -5.79 24.86
N GLY A 145 7.46 -6.70 24.19
CA GLY A 145 7.90 -6.49 22.81
C GLY A 145 9.39 -6.69 22.63
N ARG A 146 9.78 -7.12 21.44
CA ARG A 146 11.19 -7.44 21.23
C ARG A 146 11.97 -6.15 21.11
N LYS A 147 13.28 -6.26 21.30
CA LYS A 147 14.10 -5.07 21.36
C LYS A 147 14.29 -4.41 20.00
N PRO A 148 14.15 -3.07 19.96
CA PRO A 148 14.23 -2.18 18.79
C PRO A 148 15.65 -1.98 18.25
N THR A 149 16.34 -3.10 18.15
CA THR A 149 17.76 -3.16 17.84
C THR A 149 18.12 -2.49 16.54
N VAL A 150 17.20 -2.50 15.59
CA VAL A 150 17.49 -1.91 14.29
C VAL A 150 17.37 -0.38 14.31
N LEU A 151 16.33 0.12 14.96
CA LEU A 151 16.23 1.54 15.19
C LEU A 151 17.44 1.95 16.01
N LEU A 152 17.88 1.09 16.92
CA LEU A 152 19.15 1.32 17.61
C LEU A 152 20.34 1.49 16.61
N ARG A 153 20.57 0.51 15.74
CA ARG A 153 21.69 0.60 14.81
C ARG A 153 21.64 1.88 14.01
N ILE A 154 20.44 2.28 13.62
CA ILE A 154 20.26 3.51 12.84
C ILE A 154 20.58 4.74 13.65
N ALA A 155 19.95 4.88 14.81
CA ALA A 155 20.26 5.97 15.74
C ALA A 155 21.76 6.12 15.97
N ASP A 156 22.43 5.01 16.30
CA ASP A 156 23.88 5.00 16.52
C ASP A 156 24.65 5.50 15.31
N PHE A 157 24.39 4.86 14.18
CA PHE A 157 24.90 5.28 12.90
C PHE A 157 24.78 6.81 12.68
N ILE A 158 23.57 7.34 12.84
CA ILE A 158 23.36 8.78 12.72
C ILE A 158 24.21 9.59 13.73
N ALA A 159 24.33 9.12 14.96
CA ALA A 159 25.20 9.79 15.91
C ALA A 159 26.62 9.86 15.34
N ALA A 160 27.21 8.68 15.11
CA ALA A 160 28.50 8.51 14.44
C ALA A 160 28.77 9.49 13.29
N MET A 161 27.79 9.71 12.45
CA MET A 161 27.97 10.66 11.35
C MET A 161 28.21 12.12 11.74
N ASN A 162 27.91 12.48 12.96
CA ASN A 162 28.00 13.86 13.34
C ASN A 162 29.44 14.35 13.43
N GLY A 163 29.75 15.42 12.72
CA GLY A 163 31.13 15.85 12.57
C GLY A 163 32.02 14.92 11.73
N MET A 164 31.43 14.22 10.76
CA MET A 164 32.17 13.48 9.73
C MET A 164 32.21 14.30 8.45
N ASP A 165 33.40 14.66 8.01
CA ASP A 165 33.60 15.39 6.76
C ASP A 165 34.14 14.47 5.66
N ALA A 166 34.91 13.45 6.04
CA ALA A 166 35.67 12.64 5.07
C ALA A 166 34.92 11.46 4.40
N LYS A 167 34.81 11.47 3.07
CA LYS A 167 34.16 10.34 2.38
C LYS A 167 34.62 8.98 2.89
N GLN A 168 35.92 8.74 2.96
CA GLN A 168 36.34 7.36 3.17
C GLN A 168 35.87 6.82 4.51
N ASP A 169 35.72 7.73 5.47
CA ASP A 169 35.20 7.44 6.81
C ASP A 169 33.73 7.07 6.72
N MET A 170 32.99 7.91 6.00
CA MET A 170 31.56 7.70 5.77
C MET A 170 31.36 6.33 5.13
N GLN A 171 32.28 5.99 4.24
CA GLN A 171 32.28 4.70 3.59
C GLN A 171 32.54 3.60 4.62
N ALA A 172 33.43 3.85 5.57
CA ALA A 172 33.69 2.82 6.56
C ALA A 172 32.45 2.52 7.38
N LEU A 173 31.77 3.58 7.75
CA LEU A 173 30.62 3.48 8.62
C LEU A 173 29.51 2.69 7.91
N TRP A 174 29.27 3.07 6.65
CA TRP A 174 28.26 2.37 5.88
C TRP A 174 28.61 0.91 5.67
N ASP A 175 29.86 0.65 5.34
CA ASP A 175 30.27 -0.71 5.04
C ASP A 175 30.10 -1.63 6.25
N ALA A 176 30.41 -1.11 7.43
CA ALA A 176 30.11 -1.85 8.67
C ALA A 176 28.62 -2.12 8.80
N GLU A 177 27.78 -1.09 8.54
CA GLU A 177 26.33 -1.30 8.62
C GLU A 177 25.87 -2.43 7.72
N ILE A 178 26.20 -2.31 6.44
CA ILE A 178 25.99 -3.39 5.47
C ILE A 178 26.40 -4.76 6.04
N ALA A 179 27.59 -4.84 6.61
CA ALA A 179 28.05 -6.13 7.07
C ALA A 179 27.21 -6.66 8.25
N ILE A 180 26.59 -5.78 9.02
CA ILE A 180 25.76 -6.31 10.12
C ILE A 180 24.54 -7.01 9.56
N MET A 181 24.06 -6.45 8.44
CA MET A 181 22.83 -6.88 7.81
C MET A 181 22.97 -8.22 7.10
N ASN A 182 24.18 -8.75 7.00
CA ASN A 182 24.31 -10.05 6.36
C ASN A 182 23.47 -11.08 7.08
N GLY A 183 22.89 -11.99 6.30
CA GLY A 183 21.99 -12.97 6.87
C GLY A 183 20.55 -12.64 6.55
N ARG A 184 20.22 -11.35 6.63
CA ARG A 184 18.87 -10.92 6.31
C ARG A 184 18.54 -11.20 4.83
N ALA A 185 17.25 -11.23 4.48
CA ALA A 185 16.78 -11.43 3.09
C ALA A 185 17.07 -10.23 2.25
N GLN A 186 17.23 -10.42 0.95
CA GLN A 186 17.50 -9.25 0.07
C GLN A 186 16.42 -8.20 0.18
N THR A 187 15.17 -8.62 0.11
CA THR A 187 14.07 -7.68 0.13
C THR A 187 14.12 -6.86 1.41
N THR A 188 14.51 -7.55 2.49
CA THR A 188 14.62 -6.96 3.83
C THR A 188 15.71 -5.90 3.83
N ILE A 189 16.90 -6.34 3.40
CA ILE A 189 18.06 -5.47 3.42
C ILE A 189 17.73 -4.18 2.73
N ILE A 190 17.16 -4.31 1.55
CA ILE A 190 16.79 -3.15 0.80
C ILE A 190 15.86 -2.23 1.59
N SER A 191 14.89 -2.82 2.30
CA SER A 191 13.97 -1.96 3.06
C SER A 191 14.73 -1.22 4.14
N TYR A 192 15.64 -1.94 4.78
CA TYR A 192 16.41 -1.37 5.87
C TYR A 192 17.20 -0.16 5.32
N ILE A 193 17.80 -0.35 4.16
CA ILE A 193 18.60 0.69 3.58
C ILE A 193 17.75 1.91 3.42
N THR A 194 16.50 1.73 3.05
CA THR A 194 15.63 2.91 3.02
C THR A 194 15.50 3.59 4.39
N LYS A 195 15.36 2.81 5.47
CA LYS A 195 15.16 3.45 6.78
C LYS A 195 16.37 4.31 7.08
N TYR A 196 17.55 3.73 6.87
CA TYR A 196 18.79 4.49 6.96
C TYR A 196 18.70 5.77 6.15
N ARG A 197 18.46 5.66 4.86
CA ARG A 197 18.44 6.85 3.99
C ARG A 197 17.45 7.96 4.43
N ASN A 198 16.24 7.57 4.81
CA ASN A 198 15.32 8.59 5.28
C ASN A 198 15.85 9.22 6.56
N ALA A 199 16.51 8.41 7.38
CA ALA A 199 17.09 8.94 8.61
C ALA A 199 18.18 9.98 8.32
N ILE A 200 19.09 9.66 7.40
CA ILE A 200 20.17 10.55 7.02
C ILE A 200 19.55 11.80 6.48
N ARG A 201 18.54 11.64 5.64
CA ARG A 201 17.90 12.80 5.03
C ARG A 201 17.22 13.67 6.06
N GLU A 202 16.76 13.05 7.13
CA GLU A 202 16.00 13.80 8.09
C GLU A 202 16.99 14.56 8.91
N ALA A 203 18.07 13.88 9.28
CA ALA A 203 19.05 14.43 10.20
C ALA A 203 19.92 15.49 9.54
N PHE A 204 20.38 15.23 8.32
CA PHE A 204 21.40 16.02 7.64
C PHE A 204 20.92 16.66 6.35
N GLY A 205 19.64 16.50 6.01
CA GLY A 205 19.14 17.06 4.77
C GLY A 205 19.39 16.21 3.52
N ASP A 206 18.97 16.74 2.39
CA ASP A 206 19.05 16.05 1.10
C ASP A 206 20.46 16.04 0.52
N ASP A 207 21.24 17.04 0.87
CA ASP A 207 22.49 17.28 0.17
C ASP A 207 23.67 16.50 0.72
N HIS A 208 23.42 15.64 1.68
CA HIS A 208 24.53 15.02 2.36
C HIS A 208 25.16 13.89 1.53
N PRO A 209 26.49 13.94 1.38
CA PRO A 209 27.17 12.98 0.50
C PRO A 209 27.03 11.52 0.93
N MET A 210 26.51 11.28 2.14
CA MET A 210 26.33 9.91 2.58
C MET A 210 25.24 9.23 1.78
N LEU A 211 24.35 10.02 1.21
CA LEU A 211 23.32 9.44 0.37
C LEU A 211 23.85 8.96 -0.98
N LYS A 212 25.12 9.20 -1.26
CA LYS A 212 25.69 8.70 -2.49
C LYS A 212 26.35 7.38 -2.12
N ILE A 213 26.39 7.08 -0.83
CA ILE A 213 27.15 5.93 -0.34
C ILE A 213 26.23 4.89 0.22
N ALA A 214 25.30 5.35 1.05
CA ALA A 214 24.32 4.45 1.63
C ALA A 214 23.31 3.94 0.60
N THR A 215 23.71 2.95 -0.20
CA THR A 215 22.77 2.31 -1.15
C THR A 215 23.17 0.87 -1.34
N GLY A 216 22.27 0.07 -1.89
CA GLY A 216 22.63 -1.32 -2.15
C GLY A 216 23.45 -1.44 -3.42
N ASP A 217 24.13 -2.56 -3.64
CA ASP A 217 25.01 -2.61 -4.81
C ASP A 217 24.14 -2.83 -6.02
N ALA A 218 24.69 -2.64 -7.21
CA ALA A 218 23.83 -2.58 -8.38
C ALA A 218 23.44 -3.97 -8.84
N ALA A 219 24.32 -4.93 -8.58
CA ALA A 219 24.08 -6.31 -8.95
C ALA A 219 22.89 -6.83 -8.21
N MET A 220 22.80 -6.54 -6.93
CA MET A 220 21.69 -7.09 -6.16
C MET A 220 20.38 -6.44 -6.57
N ALA A 221 20.41 -5.17 -6.98
CA ALA A 221 19.19 -4.54 -7.48
C ALA A 221 18.77 -5.20 -8.77
N ASP A 222 19.73 -5.38 -9.66
CA ASP A 222 19.48 -6.00 -10.95
C ASP A 222 18.78 -7.38 -10.72
N GLU A 223 19.35 -8.21 -9.86
CA GLU A 223 18.69 -9.46 -9.55
C GLU A 223 17.30 -9.24 -8.98
N ALA A 224 17.13 -8.23 -8.14
CA ALA A 224 15.80 -8.00 -7.53
C ALA A 224 14.76 -7.80 -8.60
N ARG A 225 15.16 -7.05 -9.63
CA ARG A 225 14.29 -6.75 -10.77
C ARG A 225 13.91 -8.04 -11.42
N ARG A 226 14.94 -8.86 -11.65
CA ARG A 226 14.76 -10.12 -12.36
C ARG A 226 13.67 -10.86 -11.62
N VAL A 227 13.87 -10.96 -10.32
CA VAL A 227 12.98 -11.73 -9.45
C VAL A 227 11.53 -11.28 -9.59
N LYS A 228 11.33 -9.96 -9.53
CA LYS A 228 9.98 -9.45 -9.69
C LYS A 228 9.36 -9.87 -11.02
N MET A 229 10.09 -9.59 -12.11
CA MET A 229 9.64 -9.91 -13.47
C MET A 229 9.19 -11.32 -13.55
N GLU A 230 9.97 -12.21 -12.93
CA GLU A 230 9.70 -13.63 -12.96
C GLU A 230 8.41 -13.91 -12.25
N LYS A 231 8.29 -13.41 -11.02
CA LYS A 231 7.04 -13.57 -10.26
C LYS A 231 5.77 -13.19 -11.06
N ILE A 232 5.80 -11.97 -11.60
CA ILE A 232 4.62 -11.44 -12.25
C ILE A 232 4.32 -12.17 -13.52
N ALA A 233 5.35 -12.34 -14.33
CA ALA A 233 5.27 -13.22 -15.48
C ALA A 233 4.66 -14.55 -15.11
N ASN A 234 4.86 -15.02 -13.88
CA ASN A 234 4.26 -16.31 -13.54
C ASN A 234 2.78 -16.20 -13.22
N LYS A 235 2.39 -15.10 -12.58
CA LYS A 235 0.98 -14.89 -12.29
C LYS A 235 0.18 -14.76 -13.61
N HIS A 236 0.74 -14.03 -14.57
CA HIS A 236 -0.02 -13.83 -15.80
C HIS A 236 -0.21 -15.08 -16.58
N GLY A 237 0.54 -16.09 -16.21
CA GLY A 237 0.48 -17.34 -16.96
C GLY A 237 -0.27 -18.33 -16.16
N ALA A 238 -0.75 -17.92 -15.00
CA ALA A 238 -1.46 -18.83 -14.14
C ALA A 238 -2.44 -18.10 -13.24
N LEU A 239 -3.41 -17.47 -13.86
CA LEU A 239 -4.32 -16.64 -13.14
C LEU A 239 -5.13 -17.54 -12.26
N ILE A 240 -5.60 -16.99 -11.14
CA ILE A 240 -6.38 -17.78 -10.20
C ILE A 240 -7.84 -17.50 -10.43
N THR A 241 -8.64 -18.57 -10.56
CA THR A 241 -10.01 -18.32 -10.82
C THR A 241 -10.74 -17.98 -9.55
N PHE A 242 -11.28 -16.78 -9.52
CA PHE A 242 -11.94 -16.37 -8.33
C PHE A 242 -13.37 -16.86 -8.26
N GLU A 243 -13.52 -18.16 -8.11
CA GLU A 243 -14.84 -18.80 -8.11
C GLU A 243 -15.93 -18.10 -7.29
N ASN A 244 -15.63 -17.74 -6.05
CA ASN A 244 -16.68 -17.24 -5.16
C ASN A 244 -16.68 -15.74 -5.02
N TYR A 245 -16.31 -15.06 -6.08
CA TYR A 245 -16.08 -13.64 -5.96
C TYR A 245 -17.31 -12.81 -5.55
N ARG A 246 -18.47 -13.15 -6.07
CA ARG A 246 -19.68 -12.41 -5.74
C ARG A 246 -19.96 -12.48 -4.27
N GLN A 247 -19.70 -13.64 -3.68
CA GLN A 247 -19.85 -13.80 -2.22
C GLN A 247 -18.94 -12.79 -1.53
N VAL A 248 -17.67 -12.78 -1.93
CA VAL A 248 -16.71 -11.81 -1.40
C VAL A 248 -17.22 -10.37 -1.43
N LEU A 249 -17.75 -9.94 -2.57
CA LEU A 249 -18.25 -8.56 -2.64
C LEU A 249 -19.52 -8.33 -1.83
N LYS A 250 -20.39 -9.32 -1.74
CA LYS A 250 -21.53 -9.20 -0.86
C LYS A 250 -21.02 -8.95 0.55
N ILE A 251 -20.20 -9.86 1.04
CA ILE A 251 -19.63 -9.73 2.37
C ILE A 251 -19.11 -8.32 2.60
N CYS A 252 -18.44 -7.77 1.60
CA CYS A 252 -17.93 -6.43 1.73
C CYS A 252 -19.04 -5.40 1.89
N GLU A 253 -20.08 -5.61 1.11
CA GLU A 253 -21.21 -4.71 1.10
C GLU A 253 -21.82 -4.74 2.48
N ASP A 254 -21.91 -5.92 3.05
CA ASP A 254 -22.56 -6.11 4.32
C ASP A 254 -21.73 -5.45 5.43
N CYS A 255 -20.40 -5.52 5.32
CA CYS A 255 -19.52 -4.87 6.28
C CYS A 255 -19.73 -3.38 6.17
N LEU A 256 -20.12 -2.91 4.99
CA LEU A 256 -20.41 -1.47 4.90
C LEU A 256 -21.47 -1.05 5.91
N LYS A 257 -22.25 -1.99 6.43
CA LYS A 257 -23.34 -1.70 7.38
C LYS A 257 -22.99 -2.05 8.82
N SER A 258 -21.79 -2.56 9.06
CA SER A 258 -21.38 -2.98 10.39
C SER A 258 -21.28 -1.78 11.29
N SER A 259 -21.43 -1.98 12.60
CA SER A 259 -21.22 -0.92 13.59
C SER A 259 -19.73 -0.71 13.85
N ASP A 260 -18.96 -1.78 13.63
CA ASP A 260 -17.53 -1.79 13.90
C ASP A 260 -16.75 -1.15 12.76
N PRO A 261 -16.10 0.00 13.02
CA PRO A 261 -15.44 0.81 12.00
C PRO A 261 -14.44 0.00 11.22
N LEU A 262 -13.71 -0.88 11.88
CA LEU A 262 -12.85 -1.81 11.15
C LEU A 262 -13.62 -2.50 10.02
N MET A 263 -14.84 -2.94 10.33
CA MET A 263 -15.55 -3.76 9.39
C MET A 263 -15.91 -2.91 8.20
N ILE A 264 -16.48 -1.74 8.48
CA ILE A 264 -16.74 -0.75 7.44
C ILE A 264 -15.52 -0.60 6.55
N GLY A 265 -14.40 -0.25 7.15
CA GLY A 265 -13.14 -0.18 6.41
C GLY A 265 -12.91 -1.31 5.42
N ILE A 266 -12.95 -2.55 5.91
CA ILE A 266 -12.81 -3.69 5.02
C ILE A 266 -13.81 -3.55 3.87
N GLY A 267 -15.02 -3.13 4.22
CA GLY A 267 -16.06 -2.94 3.22
C GLY A 267 -15.65 -1.95 2.14
N LEU A 268 -14.99 -0.88 2.54
CA LEU A 268 -14.58 0.08 1.53
C LEU A 268 -13.43 -0.43 0.69
N ILE A 269 -12.54 -1.22 1.26
CA ILE A 269 -11.44 -1.73 0.44
C ILE A 269 -11.97 -2.67 -0.61
N GLY A 270 -12.98 -3.43 -0.23
CA GLY A 270 -13.64 -4.28 -1.21
C GLY A 270 -14.42 -3.48 -2.25
N MET A 271 -14.99 -2.36 -1.84
CA MET A 271 -15.97 -1.72 -2.70
C MET A 271 -15.39 -0.61 -3.54
N THR A 272 -14.24 -0.07 -3.15
CA THR A 272 -13.68 1.12 -3.80
C THR A 272 -12.26 0.94 -4.21
N GLY A 273 -11.62 -0.08 -3.70
CA GLY A 273 -10.31 -0.34 -4.22
C GLY A 273 -9.23 0.53 -3.60
N ARG A 274 -9.59 1.39 -2.66
CA ARG A 274 -8.53 2.13 -2.00
C ARG A 274 -7.71 1.24 -1.08
N ARG A 275 -6.40 1.43 -1.03
CA ARG A 275 -5.56 0.69 -0.07
C ARG A 275 -6.02 0.92 1.36
N PRO A 276 -5.73 -0.03 2.25
CA PRO A 276 -6.10 0.15 3.64
C PRO A 276 -5.73 1.51 4.19
N TYR A 277 -4.50 1.94 3.94
CA TYR A 277 -3.97 3.12 4.61
C TYR A 277 -4.82 4.26 4.13
N GLU A 278 -5.23 4.14 2.89
CA GLU A 278 -6.07 5.14 2.30
C GLU A 278 -7.41 5.16 3.02
N VAL A 279 -8.13 4.06 2.96
CA VAL A 279 -9.45 3.96 3.56
C VAL A 279 -9.42 4.50 4.96
N PHE A 280 -8.50 3.98 5.76
CA PHE A 280 -8.55 4.21 7.19
C PHE A 280 -8.09 5.60 7.64
N THR A 281 -7.02 6.12 7.05
CA THR A 281 -6.42 7.32 7.61
C THR A 281 -6.57 8.62 6.84
N GLN A 282 -6.86 8.61 5.53
CA GLN A 282 -6.75 9.87 4.77
C GLN A 282 -7.51 10.04 3.47
N ALA A 283 -8.41 9.14 3.17
CA ALA A 283 -9.19 9.19 1.93
C ALA A 283 -10.31 10.25 1.98
N GLU A 284 -10.47 11.11 0.97
CA GLU A 284 -11.72 11.88 0.86
C GLU A 284 -12.62 11.32 -0.25
N PHE A 285 -13.89 11.09 0.10
CA PHE A 285 -14.88 10.57 -0.83
C PHE A 285 -16.02 11.57 -1.14
N SER A 286 -15.96 12.25 -2.28
CA SER A 286 -17.06 13.08 -2.77
C SER A 286 -18.05 12.27 -3.58
N PRO A 287 -19.25 12.80 -3.76
CA PRO A 287 -20.16 12.23 -4.74
C PRO A 287 -19.78 12.76 -6.11
N ALA A 288 -19.82 11.89 -7.12
CA ALA A 288 -19.42 12.27 -8.47
C ALA A 288 -20.63 12.71 -9.29
N PRO A 289 -20.54 13.89 -9.90
CA PRO A 289 -21.56 14.46 -10.80
C PRO A 289 -21.73 13.62 -12.06
N TYR A 290 -22.94 13.15 -12.34
CA TYR A 290 -23.18 12.40 -13.58
C TYR A 290 -24.16 13.15 -14.44
N GLY A 291 -23.61 13.89 -15.39
CA GLY A 291 -24.37 14.91 -16.08
C GLY A 291 -24.92 15.87 -15.04
N LYS A 292 -26.20 16.21 -15.21
CA LYS A 292 -26.86 17.14 -14.31
C LYS A 292 -27.60 16.39 -13.16
N GLY A 293 -26.93 15.40 -12.59
CA GLY A 293 -27.39 14.68 -11.42
C GLY A 293 -26.20 14.18 -10.61
N VAL A 294 -26.25 12.92 -10.21
CA VAL A 294 -25.21 12.35 -9.34
C VAL A 294 -24.87 10.91 -9.68
N SER A 295 -23.58 10.62 -9.80
CA SER A 295 -23.16 9.30 -10.25
C SER A 295 -23.38 8.24 -9.19
N LYS A 296 -23.98 7.16 -9.63
CA LYS A 296 -24.42 6.12 -8.75
C LYS A 296 -23.45 4.90 -8.77
N TRP A 297 -22.54 4.90 -9.74
CA TRP A 297 -21.57 3.82 -9.88
C TRP A 297 -20.13 4.29 -9.75
N SER A 298 -19.96 5.53 -9.33
CA SER A 298 -18.60 5.98 -9.01
C SER A 298 -18.61 7.14 -8.05
N ILE A 299 -17.49 7.30 -7.33
CA ILE A 299 -17.30 8.46 -6.45
C ILE A 299 -16.00 9.19 -6.76
N LEU A 300 -15.89 10.39 -6.19
CA LEU A 300 -14.67 11.18 -6.30
C LEU A 300 -13.78 10.89 -5.12
N PHE A 301 -12.49 10.61 -5.41
CA PHE A 301 -11.56 10.17 -4.39
C PHE A 301 -10.31 11.01 -4.35
N ASN A 302 -9.79 11.19 -3.15
CA ASN A 302 -8.56 11.97 -2.92
C ASN A 302 -7.70 11.45 -1.76
N GLY A 303 -6.40 11.67 -1.78
CA GLY A 303 -5.58 11.10 -0.71
C GLY A 303 -4.85 9.84 -1.21
N GLN A 304 -4.47 9.86 -2.48
CA GLN A 304 -3.73 8.75 -3.04
C GLN A 304 -2.50 8.68 -2.19
N ALA A 305 -2.15 7.46 -1.74
CA ALA A 305 -0.87 7.34 -1.08
C ALA A 305 0.16 6.87 -2.08
N LYS A 306 1.40 6.63 -1.60
CA LYS A 306 2.52 6.22 -2.45
C LYS A 306 2.64 7.09 -3.65
N THR A 307 2.90 8.36 -3.41
CA THR A 307 2.84 9.26 -4.52
C THR A 307 3.42 10.49 -3.94
N LYS A 308 4.29 11.15 -4.68
CA LYS A 308 4.80 12.42 -4.20
C LYS A 308 4.52 13.44 -5.28
N GLN A 309 4.51 14.72 -4.93
CA GLN A 309 4.08 15.75 -5.88
C GLN A 309 4.81 15.61 -7.20
N GLY A 310 4.21 16.06 -8.28
CA GLY A 310 4.89 15.97 -9.56
C GLY A 310 3.94 15.97 -10.72
N GLU A 311 4.39 16.53 -11.83
CA GLU A 311 3.73 16.39 -13.11
C GLU A 311 3.34 14.91 -13.29
N GLY A 312 2.06 14.69 -13.60
CA GLY A 312 1.57 13.36 -13.96
C GLY A 312 1.32 12.44 -12.79
N THR A 313 0.98 13.01 -11.66
CA THR A 313 0.90 12.27 -10.41
C THR A 313 -0.42 12.57 -9.74
N LYS A 314 -1.03 11.56 -9.13
CA LYS A 314 -2.35 11.71 -8.51
C LYS A 314 -2.32 12.30 -7.09
N PHE A 315 -1.14 12.69 -6.64
CA PHE A 315 -0.98 13.32 -5.34
C PHE A 315 -1.71 14.64 -5.38
N GLY A 316 -2.52 14.88 -4.35
CA GLY A 316 -3.21 16.13 -4.22
C GLY A 316 -4.46 16.08 -5.04
N ILE A 317 -4.49 15.16 -5.99
CA ILE A 317 -5.56 15.12 -7.00
C ILE A 317 -6.83 14.37 -6.59
N THR A 318 -7.99 15.03 -6.77
CA THR A 318 -9.29 14.38 -6.70
C THR A 318 -9.57 13.77 -8.04
N TYR A 319 -10.14 12.58 -8.06
CA TYR A 319 -10.41 11.93 -9.34
C TYR A 319 -11.47 10.83 -9.16
N GLU A 320 -12.04 10.40 -10.27
CA GLU A 320 -13.18 9.54 -10.18
C GLU A 320 -12.82 8.06 -10.29
N ILE A 321 -13.39 7.25 -9.42
CA ILE A 321 -13.09 5.83 -9.44
C ILE A 321 -14.44 5.15 -9.33
N PRO A 322 -14.60 4.05 -10.04
CA PRO A 322 -15.84 3.30 -10.01
C PRO A 322 -15.93 2.65 -8.65
N VAL A 323 -17.13 2.35 -8.18
CA VAL A 323 -17.26 1.61 -6.92
C VAL A 323 -18.19 0.46 -7.20
N LEU A 324 -18.32 -0.48 -6.28
CA LEU A 324 -19.07 -1.69 -6.60
C LEU A 324 -20.38 -1.82 -5.86
N THR A 325 -21.05 -0.70 -5.65
CA THR A 325 -22.36 -0.66 -4.99
C THR A 325 -22.76 0.80 -4.90
N ARG A 326 -24.01 1.06 -4.54
CA ARG A 326 -24.50 2.43 -4.62
C ARG A 326 -23.51 3.42 -3.99
N SER A 327 -23.08 4.37 -4.82
CA SER A 327 -22.38 5.55 -4.34
C SER A 327 -23.03 6.07 -3.06
N GLU A 328 -24.36 6.05 -2.99
CA GLU A 328 -25.08 6.46 -1.79
C GLU A 328 -24.53 5.76 -0.57
N THR A 329 -24.56 4.44 -0.68
CA THR A 329 -24.23 3.54 0.40
C THR A 329 -22.82 3.83 0.89
N VAL A 330 -21.87 3.44 0.06
CA VAL A 330 -20.48 3.84 0.20
C VAL A 330 -20.24 5.19 0.90
N LEU A 331 -20.85 6.27 0.40
CA LEU A 331 -20.55 7.60 0.91
C LEU A 331 -20.99 7.75 2.35
N ALA A 332 -22.19 7.26 2.63
CA ALA A 332 -22.71 7.25 3.98
C ALA A 332 -21.77 6.45 4.89
N ALA A 333 -21.27 5.32 4.39
CA ALA A 333 -20.50 4.40 5.24
C ALA A 333 -19.20 5.05 5.61
N TYR A 334 -18.58 5.68 4.64
CA TYR A 334 -17.35 6.42 4.90
C TYR A 334 -17.63 7.53 5.92
N LYS A 335 -18.80 8.18 5.82
CA LYS A 335 -19.15 9.18 6.81
C LYS A 335 -19.13 8.58 8.21
N ARG A 336 -19.84 7.47 8.40
CA ARG A 336 -19.83 6.78 9.70
C ARG A 336 -18.42 6.51 10.17
N LEU A 337 -17.68 5.74 9.38
CA LEU A 337 -16.30 5.42 9.72
C LEU A 337 -15.53 6.68 10.17
N ARG A 338 -15.66 7.73 9.39
CA ARG A 338 -14.98 8.97 9.66
C ARG A 338 -15.39 9.50 11.01
N GLU A 339 -16.63 9.22 11.40
CA GLU A 339 -17.15 9.82 12.63
C GLU A 339 -17.07 8.93 13.86
N SER A 340 -16.69 7.68 13.70
CA SER A 340 -16.55 6.81 14.86
C SER A 340 -15.43 7.32 15.74
N GLY A 341 -15.24 6.68 16.89
CA GLY A 341 -14.16 7.11 17.74
C GLY A 341 -12.86 6.71 17.09
N GLN A 342 -12.75 5.40 16.87
CA GLN A 342 -11.58 4.78 16.23
C GLN A 342 -11.29 5.42 14.90
N GLY A 343 -12.34 5.85 14.21
CA GLY A 343 -12.13 6.49 12.94
C GLY A 343 -11.39 7.79 13.17
N LYS A 344 -11.93 8.60 14.06
CA LYS A 344 -11.37 9.93 14.37
C LYS A 344 -9.94 9.80 14.87
N LEU A 345 -9.59 8.62 15.35
CA LEU A 345 -8.22 8.35 15.78
C LEU A 345 -7.35 8.15 14.56
N TRP A 346 -7.65 7.07 13.86
CA TRP A 346 -7.06 6.74 12.56
C TRP A 346 -6.73 7.93 11.69
N HIS A 347 -7.66 8.88 11.64
CA HIS A 347 -7.55 10.00 10.72
C HIS A 347 -6.26 10.77 10.83
N GLY A 348 -5.40 10.62 9.83
CA GLY A 348 -4.14 11.34 9.79
C GLY A 348 -2.89 10.56 10.20
N MET A 349 -3.07 9.46 10.93
CA MET A 349 -1.95 8.61 11.32
C MET A 349 -0.91 8.39 10.23
N SER A 350 0.36 8.62 10.56
CA SER A 350 1.50 8.17 9.76
C SER A 350 1.37 6.69 9.50
N ILE A 351 2.30 6.12 8.75
CA ILE A 351 2.10 4.71 8.38
C ILE A 351 2.61 3.74 9.43
N ASP A 352 3.65 4.11 10.16
CA ASP A 352 4.17 3.22 11.21
C ASP A 352 3.15 3.19 12.36
N ASP A 353 2.52 4.33 12.62
CA ASP A 353 1.39 4.38 13.57
C ASP A 353 0.35 3.35 13.14
N PHE A 354 -0.35 3.67 12.06
CA PHE A 354 -1.37 2.80 11.50
C PHE A 354 -1.04 1.32 11.44
N SER A 355 0.19 1.01 11.07
CA SER A 355 0.59 -0.38 11.07
C SER A 355 0.56 -0.93 12.48
N SER A 356 1.15 -0.18 13.40
CA SER A 356 1.19 -0.60 14.79
C SER A 356 -0.21 -0.79 15.35
N GLU A 357 -1.06 0.22 15.19
CA GLU A 357 -2.43 0.17 15.68
C GLU A 357 -3.25 -0.98 15.10
N THR A 358 -3.14 -1.20 13.80
CA THR A 358 -4.24 -1.85 13.14
C THR A 358 -3.87 -3.03 12.25
N ARG A 359 -2.61 -3.11 11.80
CA ARG A 359 -2.29 -4.14 10.81
C ARG A 359 -2.64 -5.59 11.21
N LEU A 360 -2.17 -6.06 12.35
CA LEU A 360 -2.39 -7.47 12.63
C LEU A 360 -3.86 -7.80 12.91
N LEU A 361 -4.58 -6.80 13.37
CA LEU A 361 -5.99 -6.97 13.65
C LEU A 361 -6.76 -7.16 12.36
N LEU A 362 -6.46 -6.28 11.43
CA LEU A 362 -7.13 -6.23 10.14
C LEU A 362 -6.80 -7.46 9.34
N ARG A 363 -5.58 -7.94 9.49
CA ARG A 363 -5.19 -9.17 8.83
C ARG A 363 -5.90 -10.38 9.43
N ASP A 364 -6.03 -10.40 10.75
CA ASP A 364 -6.78 -11.47 11.39
C ASP A 364 -8.25 -11.45 10.96
N THR A 365 -8.88 -10.29 11.04
CA THR A 365 -10.25 -10.15 10.64
C THR A 365 -10.46 -10.63 9.21
N VAL A 366 -9.70 -10.11 8.28
CA VAL A 366 -9.90 -10.47 6.88
C VAL A 366 -9.66 -11.97 6.66
N PHE A 367 -8.61 -12.51 7.27
CA PHE A 367 -8.39 -13.95 7.24
C PHE A 367 -9.64 -14.70 7.71
N ASN A 368 -10.08 -14.43 8.95
CA ASN A 368 -11.36 -14.95 9.49
C ASN A 368 -12.51 -14.88 8.51
N LEU A 369 -12.78 -13.66 8.10
CA LEU A 369 -13.96 -13.25 7.41
C LEU A 369 -14.12 -13.94 6.06
N PHE A 370 -13.03 -14.00 5.30
CA PHE A 370 -13.17 -14.50 3.94
C PHE A 370 -12.66 -15.90 3.76
N GLU A 371 -12.25 -16.53 4.84
CA GLU A 371 -11.49 -17.73 4.75
C GLU A 371 -12.21 -18.79 3.98
N ASP A 372 -13.54 -18.82 4.09
CA ASP A 372 -14.31 -19.91 3.51
C ASP A 372 -14.68 -19.72 2.05
N VAL A 373 -14.44 -18.52 1.53
CA VAL A 373 -14.81 -18.20 0.14
C VAL A 373 -13.65 -17.77 -0.78
N TRP A 374 -12.48 -17.51 -0.21
CA TRP A 374 -11.32 -17.15 -1.00
C TRP A 374 -10.85 -18.33 -1.84
N PRO A 375 -10.33 -18.06 -3.05
CA PRO A 375 -9.80 -19.11 -3.91
C PRO A 375 -8.83 -19.91 -3.10
N LYS A 376 -8.85 -21.22 -3.25
CA LYS A 376 -7.98 -22.13 -2.51
C LYS A 376 -6.52 -21.75 -2.60
N GLU A 377 -6.14 -21.25 -3.78
CA GLU A 377 -4.76 -21.03 -4.17
C GLU A 377 -3.92 -20.13 -3.24
N GLU A 378 -4.57 -19.23 -2.50
CA GLU A 378 -3.88 -18.20 -1.71
C GLU A 378 -4.71 -17.77 -0.48
N LEU A 379 -4.10 -17.10 0.50
CA LEU A 379 -4.87 -16.76 1.69
C LEU A 379 -5.52 -15.38 1.57
N PRO A 380 -6.56 -15.13 2.37
CA PRO A 380 -7.32 -13.91 2.09
C PRO A 380 -6.71 -12.67 2.70
N LYS A 381 -6.11 -11.83 1.90
CA LYS A 381 -5.47 -10.63 2.47
C LYS A 381 -6.04 -9.26 2.00
N PRO A 382 -5.94 -8.25 2.84
CA PRO A 382 -6.57 -6.98 2.50
C PRO A 382 -6.32 -6.52 1.06
N TYR A 383 -5.08 -6.62 0.57
CA TYR A 383 -4.78 -6.12 -0.78
C TYR A 383 -5.50 -6.93 -1.86
N GLY A 384 -5.79 -8.21 -1.53
CA GLY A 384 -6.69 -9.02 -2.36
C GLY A 384 -7.94 -8.26 -2.81
N LEU A 385 -8.47 -7.44 -1.91
CA LEU A 385 -9.65 -6.72 -2.25
C LEU A 385 -9.32 -5.80 -3.37
N ARG A 386 -8.23 -5.01 -3.26
CA ARG A 386 -7.86 -4.05 -4.32
C ARG A 386 -7.62 -4.72 -5.68
N HIS A 387 -6.83 -5.81 -5.69
CA HIS A 387 -6.74 -6.64 -6.89
C HIS A 387 -8.08 -7.06 -7.53
N LEU A 388 -8.89 -7.84 -6.80
CA LEU A 388 -10.26 -8.16 -7.23
C LEU A 388 -11.04 -6.95 -7.67
N TYR A 389 -10.86 -5.81 -7.00
CA TYR A 389 -11.71 -4.64 -7.24
C TYR A 389 -11.43 -4.19 -8.61
N ALA A 390 -10.15 -4.27 -8.96
CA ALA A 390 -9.73 -3.74 -10.24
C ALA A 390 -10.38 -4.63 -11.25
N GLU A 391 -10.24 -5.93 -11.00
CA GLU A 391 -10.75 -6.90 -11.96
C GLU A 391 -12.25 -6.70 -12.22
N VAL A 392 -13.03 -6.56 -11.15
CA VAL A 392 -14.47 -6.48 -11.33
C VAL A 392 -14.83 -5.15 -11.94
N ALA A 393 -14.15 -4.09 -11.52
CA ALA A 393 -14.49 -2.79 -12.06
C ALA A 393 -14.30 -2.81 -13.56
N TYR A 394 -13.10 -3.14 -14.02
CA TYR A 394 -12.87 -3.39 -15.45
C TYR A 394 -14.02 -4.18 -16.07
N HIS A 395 -14.31 -5.35 -15.50
CA HIS A 395 -15.30 -6.27 -16.06
C HIS A 395 -16.68 -5.66 -16.20
N ASN A 396 -17.05 -4.74 -15.33
CA ASN A 396 -18.40 -4.18 -15.43
C ASN A 396 -18.48 -2.80 -16.07
N PHE A 397 -17.38 -2.07 -16.13
CA PHE A 397 -17.39 -0.61 -16.33
C PHE A 397 -16.44 -0.13 -17.41
N ALA A 398 -15.49 -0.98 -17.80
CA ALA A 398 -14.48 -0.57 -18.77
C ALA A 398 -15.08 -0.22 -20.10
N PRO A 399 -14.87 1.02 -20.55
CA PRO A 399 -15.27 1.48 -21.89
C PRO A 399 -14.44 0.75 -22.96
N PRO A 400 -14.87 0.87 -24.21
CA PRO A 400 -14.38 -0.11 -25.19
C PRO A 400 -13.01 0.22 -25.79
N HIS A 401 -12.60 1.48 -25.66
CA HIS A 401 -11.46 2.01 -26.38
C HIS A 401 -10.19 2.07 -25.53
N VAL A 402 -10.26 1.55 -24.32
CA VAL A 402 -9.08 1.49 -23.48
C VAL A 402 -8.74 0.07 -23.08
N THR A 403 -7.45 -0.15 -22.88
CA THR A 403 -6.95 -1.46 -22.57
C THR A 403 -7.14 -1.74 -21.09
N LYS A 404 -7.01 -3.01 -20.73
CA LYS A 404 -7.10 -3.37 -19.34
C LYS A 404 -6.00 -2.65 -18.58
N ASN A 405 -4.76 -2.73 -19.07
CA ASN A 405 -3.67 -2.07 -18.34
C ASN A 405 -4.02 -0.62 -18.11
N SER A 406 -4.51 0.04 -19.17
CA SER A 406 -4.85 1.45 -19.03
C SER A 406 -5.88 1.59 -17.97
N TYR A 407 -7.00 0.86 -18.08
CA TYR A 407 -8.12 0.98 -17.12
C TYR A 407 -7.68 0.84 -15.68
N PHE A 408 -6.84 -0.14 -15.39
CA PHE A 408 -6.30 -0.27 -14.05
C PHE A 408 -5.53 0.94 -13.65
N ALA A 409 -4.58 1.35 -14.48
CA ALA A 409 -3.65 2.37 -14.02
C ALA A 409 -4.45 3.60 -13.72
N ALA A 410 -5.57 3.71 -14.42
CA ALA A 410 -6.52 4.80 -14.23
C ALA A 410 -7.25 4.70 -12.88
N ILE A 411 -8.06 3.66 -12.69
CA ILE A 411 -8.85 3.49 -11.46
C ILE A 411 -8.01 3.27 -10.20
N LEU A 412 -6.73 2.85 -10.35
CA LEU A 412 -5.78 2.73 -9.19
C LEU A 412 -4.92 3.95 -8.83
N GLY A 413 -4.99 5.02 -9.64
CA GLY A 413 -4.34 6.28 -9.32
C GLY A 413 -2.87 6.31 -9.66
N HIS A 414 -2.51 5.50 -10.65
CA HIS A 414 -1.14 5.36 -11.11
C HIS A 414 -0.65 6.54 -11.89
N ASN A 415 0.67 6.73 -11.96
CA ASN A 415 1.16 7.94 -12.66
C ASN A 415 0.81 7.96 -14.14
N ASN A 416 0.78 9.15 -14.71
CA ASN A 416 0.47 9.29 -16.13
C ASN A 416 1.49 8.50 -16.92
N ASN A 417 1.01 7.71 -17.89
CA ASN A 417 1.90 6.90 -18.71
C ASN A 417 2.42 5.65 -17.98
N ASP A 418 2.22 5.56 -16.68
CA ASP A 418 2.58 4.34 -16.02
C ASP A 418 1.58 3.26 -16.36
N LEU A 419 2.06 2.30 -17.15
CA LEU A 419 1.24 1.19 -17.49
C LEU A 419 1.91 -0.01 -16.95
N GLU A 420 3.14 0.16 -16.49
CA GLU A 420 3.90 -0.98 -15.97
C GLU A 420 3.33 -1.51 -14.69
N THR A 421 2.84 -0.59 -13.85
CA THR A 421 2.36 -0.99 -12.54
C THR A 421 1.04 -1.78 -12.57
N SER A 422 0.12 -1.46 -13.48
CA SER A 422 -1.06 -2.33 -13.71
C SER A 422 -0.75 -3.86 -13.71
N LEU A 423 0.35 -4.23 -14.33
CA LEU A 423 0.76 -5.59 -14.44
C LEU A 423 0.77 -6.35 -13.14
N SER A 424 0.82 -5.62 -12.03
CA SER A 424 0.91 -6.30 -10.76
C SER A 424 -0.43 -6.70 -10.22
N MET A 426 -3.00 -7.83 -12.13
CA MET A 426 -3.59 -8.87 -12.91
C MET A 426 -3.34 -10.18 -12.20
N THR A 427 -4.24 -10.52 -11.29
CA THR A 427 -4.02 -11.62 -10.38
C THR A 427 -5.00 -12.75 -10.67
N TYR A 428 -6.28 -12.38 -10.78
CA TYR A 428 -7.31 -13.38 -10.98
C TYR A 428 -8.10 -13.29 -12.28
N THR A 429 -9.02 -14.23 -12.40
CA THR A 429 -9.92 -14.29 -13.52
C THR A 429 -11.26 -14.66 -12.93
N LEU A 430 -12.31 -14.13 -13.53
CA LEU A 430 -13.65 -14.31 -13.05
C LEU A 430 -14.21 -15.55 -13.69
N PRO A 431 -15.00 -16.29 -12.93
CA PRO A 431 -15.52 -17.56 -13.42
C PRO A 431 -16.36 -17.40 -14.70
N GLU A 432 -17.00 -16.24 -14.87
CA GLU A 432 -17.66 -15.97 -16.14
C GLU A 432 -16.66 -15.95 -17.29
N ASP A 433 -15.67 -15.07 -17.21
CA ASP A 433 -14.65 -14.94 -18.26
C ASP A 433 -14.02 -16.30 -18.57
N ARG A 434 -13.79 -17.11 -17.54
CA ARG A 434 -13.20 -18.45 -17.71
C ARG A 434 -14.13 -19.39 -18.47
N ASP A 435 -15.38 -19.39 -18.05
CA ASP A 435 -16.43 -20.09 -18.75
C ASP A 435 -16.47 -19.72 -20.23
N ASN A 436 -16.33 -18.42 -20.55
CA ASN A 436 -16.35 -17.97 -21.94
C ASN A 436 -15.19 -18.49 -22.73
N ALA A 437 -14.00 -18.43 -22.15
CA ALA A 437 -12.83 -18.92 -22.87
C ALA A 437 -13.12 -20.33 -23.22
N LEU A 438 -13.59 -21.09 -22.24
CA LEU A 438 -13.91 -22.49 -22.53
C LEU A 438 -15.02 -22.66 -23.56
N ALA A 439 -15.86 -21.65 -23.74
CA ALA A 439 -16.97 -21.75 -24.70
C ALA A 439 -16.47 -21.84 -26.13
N ARG A 440 -15.14 -21.78 -26.29
CA ARG A 440 -14.51 -22.05 -27.56
C ARG A 440 -13.89 -23.44 -27.52
N LEU A 441 -14.73 -24.41 -27.83
CA LEU A 441 -14.35 -25.79 -27.93
C LEU A 441 -14.66 -26.27 -29.35
#